data_6X5J
#
_entry.id   6X5J
#
_cell.length_a   100.548
_cell.length_b   100.548
_cell.length_c   98.495
_cell.angle_alpha   90
_cell.angle_beta   90
_cell.angle_gamma   90
#
_symmetry.space_group_name_H-M   'P 43 21 2'
#
loop_
_entity.id
_entity.type
_entity.pdbx_description
1 polymer 'Coagulation factor IX'
2 polymer 'Coagulation factor IX'
3 non-polymer GLYCEROL
4 non-polymer 2-(4-HYDROXY-5-PHENYL-1H-PYRAZOL-3-YL)-1H-BENZOIMIDAZOLE-5-CARBOXAMIDINE
5 non-polymer 'SODIUM ION'
6 non-polymer 'CITRIC ACID'
7 water water
#
loop_
_entity_poly.entity_id
_entity_poly.type
_entity_poly.pdbx_seq_one_letter_code
_entity_poly.pdbx_strand_id
1 'polypeptide(L)'
;VVGGEDAKPGQFPWQVVLNGKVDAFCGGSIVNEKWIVTAAHCVETGVKITVVAGEHNIEETEHTEQKRNVIRIIPHHNYN
AAINKYNHDIALLELDEPLVLNSYVTPICIADKEYTNIFLKFGSGYVSGWGRVFHKGRSALVLQYLRVPLVDRATCLRST
KFTIYNNMFCAGFHEGGRDSCQGDSGGPHVTEVEGTSFLTGIISWGEECAMKGKYGIYTKVSRYVNWIKEKTKLT
;
A
2 'polypeptide(L)' MDVTCNIKNGRCEQFCKNSADNKVVCSCTEGYRLAENQKSCEPAVPFPCGRVSVSQTSKLTR B
#
# COMPACT_ATOMS: atom_id res chain seq x y z
N VAL A 1 -1.87 -3.11 13.37
CA VAL A 1 -3.16 -3.56 12.92
C VAL A 1 -3.86 -4.21 14.11
N VAL A 2 -5.04 -3.69 14.45
CA VAL A 2 -5.88 -4.25 15.51
C VAL A 2 -6.81 -5.26 14.83
N GLY A 3 -7.06 -6.38 15.50
CA GLY A 3 -7.95 -7.42 15.01
C GLY A 3 -7.58 -8.10 13.71
N GLY A 4 -6.28 -8.13 13.38
CA GLY A 4 -5.79 -8.77 12.16
C GLY A 4 -5.28 -10.17 12.36
N GLU A 5 -4.42 -10.65 11.44
CA GLU A 5 -3.83 -11.99 11.51
C GLU A 5 -2.35 -11.94 11.17
N ASP A 6 -1.59 -12.91 11.67
CA ASP A 6 -0.16 -13.02 11.35
C ASP A 6 -0.05 -13.39 9.87
N ALA A 7 0.73 -12.61 9.11
CA ALA A 7 0.99 -12.94 7.72
C ALA A 7 1.99 -14.12 7.68
N LYS A 8 1.93 -14.98 6.66
CA LYS A 8 2.91 -16.05 6.51
C LYS A 8 4.14 -15.43 5.79
N PRO A 9 5.34 -16.04 5.86
CA PRO A 9 6.49 -15.45 5.15
C PRO A 9 6.24 -15.29 3.65
N GLY A 10 6.59 -14.12 3.11
CA GLY A 10 6.43 -13.83 1.70
C GLY A 10 5.02 -13.60 1.25
N GLN A 11 4.05 -13.44 2.18
CA GLN A 11 2.64 -13.20 1.81
C GLN A 11 2.42 -11.76 1.32
N PHE A 12 3.21 -10.76 1.81
CA PHE A 12 3.11 -9.35 1.39
C PHE A 12 4.52 -8.89 1.08
N PRO A 13 5.15 -9.45 0.02
CA PRO A 13 6.57 -9.15 -0.25
C PRO A 13 6.89 -7.71 -0.65
N TRP A 14 5.86 -6.87 -0.85
CA TRP A 14 6.02 -5.44 -1.14
C TRP A 14 6.09 -4.59 0.13
N GLN A 15 5.76 -5.16 1.30
CA GLN A 15 5.78 -4.43 2.56
C GLN A 15 7.19 -4.17 3.03
N VAL A 16 7.43 -2.96 3.54
CA VAL A 16 8.68 -2.63 4.19
C VAL A 16 8.36 -1.94 5.53
N VAL A 17 9.31 -1.99 6.46
CA VAL A 17 9.18 -1.31 7.74
C VAL A 17 10.20 -0.18 7.76
N LEU A 18 9.84 0.96 8.38
CA LEU A 18 10.71 2.11 8.54
C LEU A 18 11.22 2.15 9.98
N ASN A 19 12.50 2.48 10.15
CA ASN A 19 13.15 2.64 11.45
C ASN A 19 13.84 4.00 11.49
N GLY A 20 13.86 4.61 12.67
CA GLY A 20 14.51 5.89 12.90
C GLY A 20 14.92 5.95 14.35
N LYS A 21 14.52 7.02 15.08
CA LYS A 21 14.79 7.08 16.53
C LYS A 21 14.01 5.96 17.26
N VAL A 22 12.86 5.55 16.70
CA VAL A 22 12.01 4.47 17.17
C VAL A 22 11.89 3.49 16.00
N ASP A 23 12.17 2.19 16.23
CA ASP A 23 12.07 1.20 15.16
C ASP A 23 10.58 0.91 14.90
N ALA A 24 10.23 0.52 13.66
CA ALA A 24 8.86 0.20 13.28
C ALA A 24 7.84 1.31 13.55
N PHE A 25 8.20 2.56 13.32
CA PHE A 25 7.29 3.69 13.55
C PHE A 25 6.31 3.93 12.39
N CYS A 26 6.60 3.38 11.22
CA CYS A 26 5.79 3.55 10.01
C CYS A 26 6.14 2.38 9.04
N GLY A 27 5.31 2.18 8.02
CA GLY A 27 5.55 1.17 6.99
C GLY A 27 5.76 1.82 5.63
N GLY A 28 5.85 0.99 4.61
CA GLY A 28 5.99 1.45 3.23
C GLY A 28 5.79 0.32 2.24
N SER A 29 5.84 0.63 0.94
CA SER A 29 5.70 -0.36 -0.14
C SER A 29 6.81 -0.18 -1.16
N ILE A 30 7.28 -1.31 -1.73
CA ILE A 30 8.30 -1.29 -2.74
C ILE A 30 7.66 -0.88 -4.09
N VAL A 31 8.09 0.26 -4.66
CA VAL A 31 7.66 0.68 -6.00
C VAL A 31 8.56 -0.11 -6.97
N ASN A 32 9.88 -0.06 -6.75
CA ASN A 32 10.88 -0.81 -7.51
C ASN A 32 12.12 -1.04 -6.62
N GLU A 33 13.17 -1.68 -7.16
CA GLU A 33 14.40 -1.97 -6.39
C GLU A 33 15.05 -0.76 -5.68
N LYS A 34 14.84 0.50 -6.15
CA LYS A 34 15.47 1.68 -5.56
C LYS A 34 14.48 2.62 -4.84
N TRP A 35 13.16 2.37 -4.90
CA TRP A 35 12.19 3.30 -4.37
C TRP A 35 11.08 2.68 -3.52
N ILE A 36 10.69 3.42 -2.48
CA ILE A 36 9.65 3.06 -1.51
C ILE A 36 8.63 4.20 -1.52
N VAL A 37 7.33 3.86 -1.39
CA VAL A 37 6.28 4.86 -1.25
C VAL A 37 5.73 4.74 0.17
N THR A 38 5.59 5.88 0.85
CA THR A 38 5.15 5.93 2.24
C THR A 38 4.26 7.20 2.43
N ALA A 39 3.92 7.53 3.69
CA ALA A 39 3.16 8.71 4.05
C ALA A 39 4.20 9.81 4.31
N ALA A 40 3.91 11.06 3.91
CA ALA A 40 4.81 12.17 4.13
C ALA A 40 4.92 12.52 5.62
N HIS A 41 3.86 12.27 6.44
CA HIS A 41 3.96 12.56 7.88
C HIS A 41 4.94 11.63 8.59
N CYS A 42 5.32 10.49 7.98
CA CYS A 42 6.30 9.56 8.53
C CYS A 42 7.73 10.08 8.38
N VAL A 43 8.00 10.90 7.38
CA VAL A 43 9.35 11.33 7.03
C VAL A 43 9.51 12.85 6.94
N GLU A 44 8.49 13.63 7.31
CA GLU A 44 8.46 15.10 7.24
C GLU A 44 9.66 15.77 7.93
N THR A 45 10.11 15.24 9.07
CA THR A 45 11.24 15.84 9.79
C THR A 45 12.61 15.62 9.07
N GLY A 46 12.64 14.84 7.97
CA GLY A 46 13.86 14.59 7.20
C GLY A 46 15.03 14.07 8.04
N VAL A 47 14.72 13.10 8.91
CA VAL A 47 15.66 12.46 9.83
C VAL A 47 16.26 11.21 9.15
N LYS A 48 17.38 10.70 9.68
CA LYS A 48 18.04 9.52 9.12
C LYS A 48 17.13 8.30 9.32
N ILE A 49 16.65 7.69 8.22
CA ILE A 49 15.75 6.55 8.23
C ILE A 49 16.39 5.35 7.54
N THR A 50 15.99 4.14 7.97
CA THR A 50 16.40 2.90 7.33
C THR A 50 15.12 2.12 6.99
N VAL A 51 15.14 1.45 5.85
CA VAL A 51 14.05 0.62 5.35
C VAL A 51 14.48 -0.84 5.47
N VAL A 52 13.54 -1.73 5.87
CA VAL A 52 13.82 -3.16 5.91
C VAL A 52 12.74 -3.85 5.08
N ALA A 53 13.16 -4.46 3.96
CA ALA A 53 12.33 -5.27 3.09
C ALA A 53 12.56 -6.75 3.48
N GLY A 54 11.66 -7.64 3.09
CA GLY A 54 11.78 -9.06 3.40
C GLY A 54 11.60 -9.40 4.88
N GLU A 55 10.97 -8.50 5.64
CA GLU A 55 10.77 -8.71 7.08
C GLU A 55 9.47 -9.45 7.34
N HIS A 56 9.46 -10.31 8.38
CA HIS A 56 8.30 -11.07 8.80
C HIS A 56 8.14 -10.88 10.32
N ASN A 57 9.10 -11.39 11.11
CA ASN A 57 9.15 -11.24 12.56
C ASN A 57 10.27 -10.24 12.84
N ILE A 58 9.93 -9.01 13.29
CA ILE A 58 10.93 -7.96 13.54
C ILE A 58 11.92 -8.30 14.67
N GLU A 59 11.69 -9.35 15.50
CA GLU A 59 12.64 -9.74 16.56
C GLU A 59 13.32 -11.10 16.31
N GLU A 60 13.24 -11.65 15.08
CA GLU A 60 13.89 -12.92 14.73
C GLU A 60 14.50 -12.83 13.33
N THR A 61 15.78 -13.15 13.20
CA THR A 61 16.49 -13.15 11.92
C THR A 61 16.09 -14.39 11.11
N GLU A 62 15.37 -14.18 9.99
CA GLU A 62 14.91 -15.24 9.07
C GLU A 62 15.75 -15.35 7.78
N HIS A 63 16.77 -14.50 7.59
CA HIS A 63 17.67 -14.52 6.43
C HIS A 63 17.01 -14.10 5.11
N THR A 64 15.85 -13.45 5.18
CA THR A 64 15.14 -12.90 4.02
C THR A 64 15.18 -11.36 4.01
N GLU A 65 15.62 -10.71 5.12
CA GLU A 65 15.63 -9.28 5.31
C GLU A 65 16.69 -8.56 4.50
N GLN A 66 16.36 -7.33 4.09
CA GLN A 66 17.24 -6.47 3.33
C GLN A 66 17.09 -5.05 3.87
N LYS A 67 18.10 -4.56 4.58
CA LYS A 67 18.09 -3.22 5.15
C LYS A 67 18.81 -2.28 4.20
N ARG A 68 18.29 -1.06 4.09
CA ARG A 68 18.90 -0.05 3.25
C ARG A 68 18.75 1.30 3.90
N ASN A 69 19.75 2.19 3.70
CA ASN A 69 19.67 3.57 4.15
C ASN A 69 18.88 4.38 3.12
N VAL A 70 18.15 5.40 3.55
CA VAL A 70 17.41 6.31 2.66
C VAL A 70 18.37 7.48 2.32
N ILE A 71 18.59 7.77 1.01
CA ILE A 71 19.49 8.86 0.55
C ILE A 71 18.71 10.07 0.00
N ARG A 72 17.41 9.92 -0.23
CA ARG A 72 16.59 11.01 -0.70
C ARG A 72 15.14 10.77 -0.27
N ILE A 73 14.50 11.81 0.27
CA ILE A 73 13.10 11.79 0.69
C ILE A 73 12.39 12.82 -0.20
N ILE A 74 11.42 12.39 -1.01
CA ILE A 74 10.66 13.31 -1.84
C ILE A 74 9.21 13.34 -1.37
N PRO A 75 8.82 14.27 -0.48
CA PRO A 75 7.38 14.42 -0.18
C PRO A 75 6.68 15.00 -1.43
N HIS A 76 5.36 14.75 -1.60
CA HIS A 76 4.64 15.36 -2.72
C HIS A 76 4.72 16.90 -2.60
N HIS A 77 4.92 17.62 -3.71
CA HIS A 77 5.09 19.08 -3.65
C HIS A 77 3.90 19.78 -2.97
N ASN A 78 2.69 19.18 -2.92
CA ASN A 78 1.55 19.79 -2.23
C ASN A 78 1.46 19.43 -0.73
N TYR A 79 2.43 18.68 -0.19
CA TYR A 79 2.45 18.36 1.23
C TYR A 79 3.05 19.54 2.02
N ASN A 80 2.34 19.99 3.07
CA ASN A 80 2.82 21.05 3.96
C ASN A 80 2.29 20.75 5.38
N ALA A 81 3.17 20.20 6.25
CA ALA A 81 2.78 19.84 7.62
C ALA A 81 2.34 21.03 8.48
N ALA A 82 2.83 22.24 8.18
CA ALA A 82 2.40 23.43 8.92
C ALA A 82 0.96 23.84 8.56
N ILE A 83 0.35 23.30 7.49
CA ILE A 83 -1.03 23.63 7.12
C ILE A 83 -1.90 22.44 7.50
N ASN A 84 -1.52 21.23 7.07
CA ASN A 84 -2.30 20.04 7.38
C ASN A 84 -1.35 18.84 7.33
N LYS A 85 -1.12 18.20 8.49
CA LYS A 85 -0.18 17.09 8.60
C LYS A 85 -0.58 15.83 7.81
N TYR A 86 -1.88 15.68 7.48
CA TYR A 86 -2.37 14.47 6.84
C TYR A 86 -2.98 14.67 5.46
N ASN A 87 -2.95 15.88 4.89
CA ASN A 87 -3.44 16.10 3.53
C ASN A 87 -2.23 16.00 2.56
N HIS A 88 -2.44 15.41 1.36
CA HIS A 88 -1.36 15.13 0.36
C HIS A 88 -0.26 14.30 1.01
N ASP A 89 -0.68 13.32 1.81
CA ASP A 89 0.15 12.52 2.66
C ASP A 89 0.77 11.36 1.93
N ILE A 90 1.81 11.67 1.14
CA ILE A 90 2.53 10.68 0.34
C ILE A 90 3.98 11.19 0.08
N ALA A 91 4.94 10.27 0.13
CA ALA A 91 6.35 10.57 -0.05
C ALA A 91 7.06 9.35 -0.62
N LEU A 92 8.17 9.61 -1.32
CA LEU A 92 8.99 8.57 -1.91
C LEU A 92 10.34 8.58 -1.22
N LEU A 93 10.96 7.39 -1.08
CA LEU A 93 12.28 7.24 -0.46
C LEU A 93 13.17 6.52 -1.45
N GLU A 94 14.35 7.08 -1.71
CA GLU A 94 15.35 6.46 -2.58
C GLU A 94 16.31 5.69 -1.68
N LEU A 95 16.57 4.42 -2.01
CA LEU A 95 17.47 3.55 -1.25
C LEU A 95 18.93 3.75 -1.70
N ASP A 96 19.90 3.63 -0.78
CA ASP A 96 21.31 3.83 -1.12
C ASP A 96 21.83 2.80 -2.12
N GLU A 97 21.33 1.56 -2.03
CA GLU A 97 21.69 0.47 -2.93
C GLU A 97 20.40 -0.29 -3.27
N PRO A 98 20.28 -0.81 -4.50
CA PRO A 98 19.04 -1.50 -4.88
C PRO A 98 18.78 -2.77 -4.10
N LEU A 99 17.49 -3.07 -3.87
CA LEU A 99 17.07 -4.32 -3.28
C LEU A 99 17.23 -5.42 -4.34
N VAL A 100 17.39 -6.66 -3.90
CA VAL A 100 17.47 -7.79 -4.79
C VAL A 100 16.09 -8.42 -4.75
N LEU A 101 15.35 -8.30 -5.86
CA LEU A 101 14.01 -8.85 -5.93
C LEU A 101 14.03 -10.38 -5.86
N ASN A 102 13.19 -10.93 -4.99
CA ASN A 102 13.05 -12.37 -4.82
C ASN A 102 11.62 -12.66 -4.27
N SER A 103 11.32 -13.88 -3.77
CA SER A 103 9.98 -14.19 -3.29
C SER A 103 9.59 -13.44 -2.00
N TYR A 104 10.56 -12.90 -1.27
CA TYR A 104 10.29 -12.15 -0.05
C TYR A 104 10.36 -10.64 -0.25
N VAL A 105 10.96 -10.17 -1.37
CA VAL A 105 11.15 -8.76 -1.68
C VAL A 105 10.66 -8.58 -3.13
N THR A 106 9.41 -8.17 -3.31
CA THR A 106 8.81 -8.03 -4.64
C THR A 106 8.07 -6.69 -4.72
N PRO A 107 8.10 -5.92 -5.84
CA PRO A 107 7.34 -4.66 -5.85
C PRO A 107 5.83 -4.85 -5.87
N ILE A 108 5.10 -3.80 -5.52
CA ILE A 108 3.64 -3.74 -5.63
C ILE A 108 3.35 -3.16 -7.04
N CYS A 109 2.32 -3.66 -7.73
CA CYS A 109 1.95 -3.10 -9.03
C CYS A 109 1.25 -1.78 -8.81
N ILE A 110 1.37 -0.84 -9.74
CA ILE A 110 0.65 0.43 -9.67
C ILE A 110 0.07 0.59 -11.07
N ALA A 111 -1.28 0.62 -11.17
CA ALA A 111 -1.99 0.78 -12.43
C ALA A 111 -2.03 2.29 -12.80
N ASP A 112 -2.64 2.69 -13.94
CA ASP A 112 -2.77 4.11 -14.27
C ASP A 112 -3.82 4.73 -13.32
N LYS A 113 -4.03 6.05 -13.40
CA LYS A 113 -4.99 6.78 -12.56
C LYS A 113 -6.42 6.15 -12.64
N GLU A 114 -6.93 5.92 -13.85
CA GLU A 114 -8.26 5.35 -14.07
C GLU A 114 -8.40 3.97 -13.42
N TYR A 115 -7.50 3.04 -13.73
CA TYR A 115 -7.61 1.68 -13.20
C TYR A 115 -7.35 1.60 -11.71
N THR A 116 -6.48 2.44 -11.14
CA THR A 116 -6.26 2.45 -9.69
C THR A 116 -7.57 2.82 -8.98
N ASN A 117 -8.32 3.79 -9.56
CA ASN A 117 -9.61 4.20 -9.03
C ASN A 117 -10.67 3.08 -9.16
N ILE A 118 -10.71 2.40 -10.32
CA ILE A 118 -11.62 1.26 -10.55
C ILE A 118 -11.34 0.16 -9.52
N PHE A 119 -10.06 -0.17 -9.27
CA PHE A 119 -9.69 -1.20 -8.30
C PHE A 119 -10.09 -0.78 -6.89
N LEU A 120 -9.89 0.49 -6.49
CA LEU A 120 -10.33 0.95 -5.16
C LEU A 120 -11.86 0.74 -5.01
N LYS A 121 -12.64 1.06 -6.07
CA LYS A 121 -14.10 0.92 -6.07
C LYS A 121 -14.60 -0.56 -6.02
N PHE A 122 -13.71 -1.56 -6.17
CA PHE A 122 -14.08 -2.97 -5.93
C PHE A 122 -14.55 -3.14 -4.44
N GLY A 123 -14.06 -2.27 -3.55
CA GLY A 123 -14.55 -2.13 -2.19
C GLY A 123 -13.95 -2.99 -1.12
N SER A 124 -12.82 -3.61 -1.40
CA SER A 124 -12.18 -4.50 -0.44
C SER A 124 -10.68 -4.56 -0.69
N GLY A 125 -9.91 -4.07 0.27
CA GLY A 125 -8.45 -4.06 0.21
C GLY A 125 -7.82 -4.73 1.41
N TYR A 126 -6.54 -5.07 1.28
CA TYR A 126 -5.75 -5.65 2.35
C TYR A 126 -4.80 -4.59 2.85
N VAL A 127 -4.77 -4.38 4.16
CA VAL A 127 -3.82 -3.46 4.81
C VAL A 127 -2.88 -4.35 5.63
N SER A 128 -1.67 -3.86 5.91
CA SER A 128 -0.70 -4.62 6.69
C SER A 128 0.35 -3.71 7.34
N GLY A 129 0.95 -4.23 8.41
CA GLY A 129 1.98 -3.50 9.13
C GLY A 129 2.33 -4.09 10.48
N TRP A 130 3.37 -3.52 11.11
CA TRP A 130 3.82 -3.92 12.45
C TRP A 130 3.36 -2.93 13.52
N GLY A 131 2.25 -2.22 13.29
CA GLY A 131 1.73 -1.25 14.23
C GLY A 131 1.03 -1.87 15.42
N ARG A 132 0.38 -1.02 16.23
CA ARG A 132 -0.32 -1.44 17.45
C ARG A 132 -1.40 -2.48 17.16
N VAL A 133 -1.40 -3.59 17.94
CA VAL A 133 -2.41 -4.64 17.82
C VAL A 133 -3.64 -4.38 18.73
N PHE A 134 -3.59 -3.33 19.59
CA PHE A 134 -4.68 -2.82 20.44
C PHE A 134 -4.56 -1.27 20.47
N HIS A 135 -5.68 -0.54 20.69
CA HIS A 135 -5.61 0.92 20.80
C HIS A 135 -4.79 1.28 22.05
N LYS A 136 -3.69 2.04 21.87
CA LYS A 136 -2.77 2.40 22.96
C LYS A 136 -2.09 1.13 23.57
N GLY A 137 -1.75 0.16 22.73
CA GLY A 137 -1.14 -1.08 23.18
C GLY A 137 0.16 -1.43 22.49
N ARG A 138 0.65 -2.65 22.78
CA ARG A 138 1.89 -3.19 22.22
C ARG A 138 1.82 -3.34 20.69
N SER A 139 2.96 -3.10 20.01
CA SER A 139 3.08 -3.24 18.56
C SER A 139 3.54 -4.66 18.19
N ALA A 140 3.13 -5.11 17.01
CA ALA A 140 3.36 -6.47 16.57
C ALA A 140 4.81 -6.85 16.30
N LEU A 141 5.13 -8.13 16.57
CA LEU A 141 6.43 -8.68 16.25
C LEU A 141 6.30 -9.32 14.86
N VAL A 142 5.24 -10.09 14.61
CA VAL A 142 4.98 -10.69 13.30
C VAL A 142 4.10 -9.74 12.52
N LEU A 143 4.39 -9.58 11.21
CA LEU A 143 3.63 -8.71 10.31
C LEU A 143 2.15 -9.08 10.37
N GLN A 144 1.27 -8.09 10.56
CA GLN A 144 -0.18 -8.32 10.63
C GLN A 144 -0.85 -7.89 9.33
N TYR A 145 -1.98 -8.50 9.00
CA TYR A 145 -2.76 -8.10 7.83
C TYR A 145 -4.24 -8.16 8.12
N LEU A 146 -5.03 -7.42 7.33
CA LEU A 146 -6.46 -7.35 7.53
C LEU A 146 -7.18 -6.91 6.29
N ARG A 147 -8.31 -7.55 5.99
N ARG A 147 -8.30 -7.56 5.97
CA ARG A 147 -9.14 -7.17 4.86
CA ARG A 147 -9.13 -7.18 4.82
C ARG A 147 -10.08 -6.09 5.41
C ARG A 147 -10.12 -6.12 5.36
N VAL A 148 -10.12 -4.91 4.76
CA VAL A 148 -11.00 -3.80 5.21
C VAL A 148 -11.95 -3.38 4.09
N PRO A 149 -13.25 -3.25 4.36
CA PRO A 149 -14.17 -2.79 3.31
C PRO A 149 -14.13 -1.29 3.13
N LEU A 150 -14.36 -0.81 1.91
CA LEU A 150 -14.43 0.62 1.61
C LEU A 150 -15.75 1.15 2.20
N VAL A 151 -15.70 2.35 2.80
CA VAL A 151 -16.87 3.00 3.39
C VAL A 151 -17.28 4.18 2.49
N ASP A 152 -18.59 4.31 2.18
CA ASP A 152 -19.06 5.45 1.36
C ASP A 152 -18.70 6.78 1.98
N ARG A 153 -18.46 7.79 1.12
CA ARG A 153 -18.06 9.11 1.56
C ARG A 153 -19.04 9.73 2.54
N ALA A 154 -20.36 9.55 2.34
CA ALA A 154 -21.35 10.11 3.25
C ALA A 154 -21.20 9.55 4.69
N THR A 155 -21.07 8.22 4.85
CA THR A 155 -20.88 7.59 6.16
C THR A 155 -19.57 8.08 6.79
N CYS A 156 -18.53 8.16 5.98
CA CYS A 156 -17.19 8.64 6.34
C CYS A 156 -17.26 10.10 6.86
N LEU A 157 -17.95 11.00 6.14
CA LEU A 157 -18.07 12.39 6.57
C LEU A 157 -18.84 12.51 7.89
N ARG A 158 -19.91 11.74 8.09
CA ARG A 158 -20.66 11.79 9.35
C ARG A 158 -19.84 11.24 10.55
N SER A 159 -18.77 10.49 10.31
CA SER A 159 -18.01 9.84 11.39
C SER A 159 -17.00 10.74 12.11
N THR A 160 -16.72 11.95 11.58
CA THR A 160 -15.68 12.80 12.15
C THR A 160 -15.95 14.29 12.01
N LYS A 161 -15.35 15.08 12.90
CA LYS A 161 -15.38 16.53 12.84
C LYS A 161 -14.25 17.03 11.89
N PHE A 162 -13.21 16.20 11.66
CA PHE A 162 -12.09 16.52 10.79
C PHE A 162 -12.53 16.53 9.31
N THR A 163 -11.70 17.14 8.45
CA THR A 163 -12.01 17.27 7.05
C THR A 163 -11.46 16.09 6.27
N ILE A 164 -12.32 15.36 5.57
CA ILE A 164 -11.92 14.25 4.74
C ILE A 164 -12.00 14.79 3.30
N TYR A 165 -10.82 15.03 2.69
CA TYR A 165 -10.76 15.55 1.33
C TYR A 165 -11.11 14.46 0.33
N ASN A 166 -11.48 14.86 -0.90
CA ASN A 166 -11.91 13.92 -1.94
C ASN A 166 -10.86 12.90 -2.38
N ASN A 167 -9.55 13.16 -2.18
CA ASN A 167 -8.54 12.14 -2.51
C ASN A 167 -8.00 11.42 -1.27
N MET A 168 -8.86 11.31 -0.27
CA MET A 168 -8.71 10.48 0.92
C MET A 168 -9.94 9.54 0.87
N PHE A 169 -9.85 8.40 1.53
CA PHE A 169 -10.95 7.45 1.59
C PHE A 169 -10.99 6.82 2.96
N CYS A 170 -12.13 6.28 3.30
CA CYS A 170 -12.39 5.62 4.56
C CYS A 170 -12.48 4.14 4.30
N ALA A 171 -11.98 3.37 5.24
CA ALA A 171 -12.10 1.92 5.19
C ALA A 171 -12.13 1.41 6.63
N GLY A 172 -12.83 0.30 6.84
CA GLY A 172 -13.00 -0.30 8.16
C GLY A 172 -14.42 -0.81 8.36
N PHE A 173 -14.74 -1.19 9.60
CA PHE A 173 -16.01 -1.79 9.97
C PHE A 173 -16.90 -0.88 10.80
N HIS A 174 -18.20 -0.99 10.56
CA HIS A 174 -19.24 -0.23 11.24
C HIS A 174 -19.11 -0.35 12.78
N GLU A 175 -18.80 -1.55 13.28
CA GLU A 175 -18.69 -1.79 14.73
C GLU A 175 -17.26 -1.78 15.28
N GLY A 176 -16.29 -1.32 14.49
CA GLY A 176 -14.90 -1.31 14.91
C GLY A 176 -14.36 -2.72 15.09
N GLY A 177 -13.47 -2.87 16.07
CA GLY A 177 -12.85 -4.15 16.39
C GLY A 177 -11.63 -4.48 15.56
N ARG A 178 -11.62 -4.08 14.26
CA ARG A 178 -10.51 -4.37 13.35
C ARG A 178 -10.18 -3.10 12.58
N ASP A 179 -8.90 -2.74 12.52
CA ASP A 179 -8.49 -1.49 11.87
C ASP A 179 -6.97 -1.38 11.78
N SER A 180 -6.44 -0.43 11.00
CA SER A 180 -5.02 -0.12 11.01
C SER A 180 -4.78 0.78 12.27
N CYS A 181 -3.53 1.06 12.63
CA CYS A 181 -3.23 1.82 13.85
C CYS A 181 -1.88 2.51 13.73
N GLN A 182 -1.45 3.25 14.77
CA GLN A 182 -0.14 3.91 14.79
C GLN A 182 0.96 2.87 14.59
N GLY A 183 1.90 3.16 13.72
CA GLY A 183 2.97 2.26 13.32
C GLY A 183 2.73 1.66 11.95
N ASP A 184 1.46 1.64 11.46
CA ASP A 184 1.11 1.12 10.14
C ASP A 184 1.12 2.19 9.07
N SER A 185 1.01 3.49 9.43
CA SER A 185 0.96 4.57 8.44
C SER A 185 2.12 4.53 7.50
N GLY A 186 1.86 4.87 6.24
CA GLY A 186 2.82 4.74 5.18
C GLY A 186 2.74 3.39 4.49
N GLY A 187 2.18 2.38 5.18
CA GLY A 187 2.05 1.04 4.63
C GLY A 187 0.99 0.97 3.55
N PRO A 188 0.91 -0.19 2.89
CA PRO A 188 -0.02 -0.32 1.78
C PRO A 188 -1.47 -0.70 2.09
N HIS A 189 -2.34 -0.31 1.17
CA HIS A 189 -3.71 -0.74 1.06
C HIS A 189 -3.73 -1.29 -0.37
N VAL A 190 -3.89 -2.61 -0.55
CA VAL A 190 -3.80 -3.21 -1.88
C VAL A 190 -5.08 -3.90 -2.27
N THR A 191 -5.32 -3.99 -3.57
CA THR A 191 -6.52 -4.66 -4.09
C THR A 191 -6.06 -5.82 -4.98
N GLU A 192 -6.59 -7.02 -4.73
CA GLU A 192 -6.22 -8.19 -5.54
C GLU A 192 -7.09 -8.18 -6.78
N VAL A 193 -6.47 -8.14 -7.95
CA VAL A 193 -7.14 -8.15 -9.25
C VAL A 193 -6.73 -9.43 -9.96
N GLU A 194 -7.49 -10.50 -9.81
CA GLU A 194 -7.19 -11.79 -10.46
C GLU A 194 -5.81 -12.33 -10.06
N GLY A 195 -5.50 -12.32 -8.77
CA GLY A 195 -4.23 -12.84 -8.29
C GLY A 195 -3.04 -11.89 -8.39
N THR A 196 -3.25 -10.61 -8.80
CA THR A 196 -2.17 -9.63 -8.85
C THR A 196 -2.63 -8.49 -7.97
N SER A 197 -1.81 -8.09 -6.98
CA SER A 197 -2.15 -7.00 -6.09
C SER A 197 -1.65 -5.67 -6.67
N PHE A 198 -2.52 -4.64 -6.62
CA PHE A 198 -2.23 -3.27 -7.05
C PHE A 198 -2.33 -2.34 -5.85
N LEU A 199 -1.51 -1.31 -5.77
CA LEU A 199 -1.56 -0.35 -4.68
C LEU A 199 -2.75 0.59 -4.95
N THR A 200 -3.74 0.63 -4.02
CA THR A 200 -4.91 1.52 -4.15
C THR A 200 -4.93 2.62 -3.08
N GLY A 201 -4.13 2.50 -2.02
CA GLY A 201 -4.08 3.51 -0.97
C GLY A 201 -2.84 3.41 -0.09
N ILE A 202 -2.57 4.50 0.62
CA ILE A 202 -1.49 4.59 1.60
C ILE A 202 -2.22 4.67 2.94
N ILE A 203 -1.79 3.88 3.95
CA ILE A 203 -2.36 3.96 5.29
C ILE A 203 -1.97 5.34 5.82
N SER A 204 -2.94 6.18 6.17
CA SER A 204 -2.63 7.55 6.57
C SER A 204 -2.88 7.85 8.07
N TRP A 205 -4.13 7.99 8.51
CA TRP A 205 -4.42 8.41 9.90
C TRP A 205 -5.81 7.95 10.37
N GLY A 206 -6.10 8.25 11.61
CA GLY A 206 -7.40 7.98 12.22
C GLY A 206 -7.46 8.52 13.61
N GLU A 207 -8.62 8.49 14.25
CA GLU A 207 -8.75 8.94 15.64
C GLU A 207 -8.51 7.67 16.51
N GLU A 208 -9.44 7.20 17.35
CA GLU A 208 -9.20 5.99 18.14
C GLU A 208 -9.17 4.75 17.21
N CYS A 209 -8.11 3.90 17.30
CA CYS A 209 -7.97 2.67 16.50
C CYS A 209 -9.10 1.74 16.85
N ALA A 210 -9.77 1.19 15.82
CA ALA A 210 -10.81 0.18 15.92
C ALA A 210 -12.03 0.53 16.81
N MET A 211 -12.36 1.83 16.95
N MET A 211 -12.35 1.83 17.03
CA MET A 211 -13.51 2.27 17.73
CA MET A 211 -13.52 2.17 17.83
C MET A 211 -14.77 2.25 16.86
C MET A 211 -14.76 2.30 16.94
N LYS A 212 -15.89 1.79 17.41
CA LYS A 212 -17.18 1.81 16.71
C LYS A 212 -17.57 3.25 16.36
N GLY A 213 -17.86 3.49 15.09
CA GLY A 213 -18.24 4.81 14.60
C GLY A 213 -17.08 5.58 13.98
N LYS A 214 -15.85 5.07 14.09
CA LYS A 214 -14.66 5.70 13.52
C LYS A 214 -14.05 4.77 12.47
N TYR A 215 -13.40 5.33 11.46
CA TYR A 215 -12.80 4.55 10.38
C TYR A 215 -11.36 5.00 10.14
N GLY A 216 -10.58 4.15 9.49
CA GLY A 216 -9.23 4.50 9.10
C GLY A 216 -9.30 5.40 7.87
N ILE A 217 -8.39 6.38 7.77
CA ILE A 217 -8.33 7.31 6.64
C ILE A 217 -7.09 6.97 5.84
N TYR A 218 -7.26 6.85 4.52
CA TYR A 218 -6.23 6.46 3.60
C TYR A 218 -6.07 7.51 2.49
N THR A 219 -4.89 7.54 1.87
CA THR A 219 -4.66 8.42 0.74
C THR A 219 -4.99 7.66 -0.52
N LYS A 220 -5.72 8.25 -1.46
CA LYS A 220 -6.01 7.59 -2.74
C LYS A 220 -4.76 7.65 -3.60
N VAL A 221 -4.19 6.48 -3.93
CA VAL A 221 -2.99 6.41 -4.75
C VAL A 221 -3.27 6.88 -6.19
N SER A 222 -4.51 6.73 -6.70
CA SER A 222 -4.84 7.18 -8.07
C SER A 222 -4.50 8.66 -8.30
N ARG A 223 -4.64 9.46 -7.25
CA ARG A 223 -4.35 10.89 -7.26
C ARG A 223 -2.86 11.17 -7.54
N TYR A 224 -1.94 10.20 -7.27
CA TYR A 224 -0.50 10.42 -7.38
C TYR A 224 0.26 9.50 -8.30
N VAL A 225 -0.44 8.71 -9.15
CA VAL A 225 0.19 7.74 -10.04
C VAL A 225 1.26 8.36 -10.98
N ASN A 226 0.93 9.47 -11.64
N ASN A 226 0.95 9.48 -11.68
CA ASN A 226 1.86 10.08 -12.58
CA ASN A 226 1.94 10.12 -12.58
C ASN A 226 3.12 10.63 -11.88
C ASN A 226 3.18 10.50 -11.81
N TRP A 227 2.98 11.13 -10.65
CA TRP A 227 4.10 11.57 -9.82
C TRP A 227 4.97 10.39 -9.35
N ILE A 228 4.35 9.26 -8.91
CA ILE A 228 5.13 8.07 -8.50
C ILE A 228 5.95 7.52 -9.71
N LYS A 229 5.29 7.29 -10.86
CA LYS A 229 5.94 6.74 -12.05
C LYS A 229 7.09 7.64 -12.50
N GLU A 230 6.86 8.97 -12.52
CA GLU A 230 7.85 9.95 -12.94
C GLU A 230 9.07 9.94 -12.02
N LYS A 231 8.87 10.10 -10.71
CA LYS A 231 10.02 10.21 -9.80
C LYS A 231 10.78 8.90 -9.60
N THR A 232 10.13 7.75 -9.78
CA THR A 232 10.77 6.45 -9.54
C THR A 232 11.33 5.80 -10.80
N LYS A 233 11.25 6.44 -11.99
CA LYS A 233 11.78 5.90 -13.25
C LYS A 233 13.23 5.42 -13.09
N LEU A 234 13.52 4.15 -13.46
CA LEU A 234 14.89 3.63 -13.47
C LEU A 234 15.32 3.64 -14.93
N ASP B 2 -20.16 -5.46 -29.96
CA ASP B 2 -20.18 -6.75 -29.26
C ASP B 2 -19.23 -6.74 -28.06
N VAL B 3 -17.93 -6.42 -28.30
CA VAL B 3 -16.94 -6.40 -27.21
C VAL B 3 -16.59 -4.92 -26.94
N THR B 4 -16.76 -4.49 -25.68
CA THR B 4 -16.48 -3.12 -25.22
C THR B 4 -15.91 -3.18 -23.79
N CYS B 5 -15.03 -2.24 -23.43
CA CYS B 5 -14.46 -2.21 -22.08
C CYS B 5 -15.51 -1.92 -20.99
N ASN B 6 -16.66 -1.34 -21.36
CA ASN B 6 -17.75 -1.02 -20.42
C ASN B 6 -18.44 -2.28 -19.88
N ILE B 7 -18.31 -3.44 -20.56
CA ILE B 7 -18.92 -4.69 -20.11
C ILE B 7 -17.81 -5.68 -19.75
N LYS B 8 -17.69 -6.03 -18.46
CA LYS B 8 -16.72 -7.01 -17.96
C LYS B 8 -15.27 -6.67 -18.35
N ASN B 9 -14.93 -5.38 -18.52
CA ASN B 9 -13.58 -4.95 -18.89
C ASN B 9 -13.13 -5.57 -20.23
N GLY B 10 -14.06 -5.78 -21.16
CA GLY B 10 -13.75 -6.44 -22.42
C GLY B 10 -13.14 -7.83 -22.26
N ARG B 11 -13.42 -8.47 -21.10
CA ARG B 11 -12.89 -9.78 -20.69
C ARG B 11 -11.36 -9.77 -20.50
N CYS B 12 -10.73 -8.57 -20.35
CA CYS B 12 -9.29 -8.41 -20.11
C CYS B 12 -9.02 -8.68 -18.64
N GLU B 13 -7.97 -9.45 -18.32
CA GLU B 13 -7.62 -9.74 -16.93
C GLU B 13 -7.18 -8.45 -16.20
N GLN B 14 -6.39 -7.58 -16.86
CA GLN B 14 -5.98 -6.33 -16.24
C GLN B 14 -6.55 -5.08 -16.97
N PHE B 15 -5.91 -4.59 -18.04
CA PHE B 15 -6.34 -3.34 -18.68
C PHE B 15 -6.98 -3.53 -20.06
N CYS B 16 -7.98 -2.67 -20.38
CA CYS B 16 -8.76 -2.70 -21.62
C CYS B 16 -8.75 -1.32 -22.28
N LYS B 17 -8.70 -1.30 -23.61
CA LYS B 17 -8.69 -0.07 -24.41
C LYS B 17 -9.58 -0.34 -25.67
N ASN B 18 -10.61 0.49 -25.89
CA ASN B 18 -11.54 0.32 -27.03
C ASN B 18 -10.86 0.66 -28.38
N VAL B 24 -11.69 -4.55 -28.88
CA VAL B 24 -10.86 -4.17 -27.72
C VAL B 24 -9.45 -4.74 -27.83
N VAL B 25 -8.50 -4.07 -27.15
CA VAL B 25 -7.10 -4.47 -27.05
C VAL B 25 -6.81 -4.60 -25.55
N CYS B 26 -6.47 -5.81 -25.09
CA CYS B 26 -6.13 -6.06 -23.69
C CYS B 26 -4.63 -5.78 -23.48
N SER B 27 -4.28 -5.33 -22.27
CA SER B 27 -2.90 -5.04 -21.87
C SER B 27 -2.68 -5.38 -20.38
N CYS B 28 -1.41 -5.42 -19.96
CA CYS B 28 -1.00 -5.80 -18.61
C CYS B 28 -0.04 -4.74 -18.03
N THR B 29 0.20 -4.82 -16.72
CA THR B 29 1.15 -3.94 -16.02
C THR B 29 2.57 -4.44 -16.30
N GLU B 30 3.58 -3.59 -16.09
CA GLU B 30 5.00 -3.92 -16.31
C GLU B 30 5.41 -5.22 -15.57
N GLY B 31 6.16 -6.06 -16.27
CA GLY B 31 6.59 -7.36 -15.76
C GLY B 31 5.66 -8.51 -16.15
N TYR B 32 4.52 -8.19 -16.82
CA TYR B 32 3.55 -9.17 -17.31
C TYR B 32 3.41 -9.03 -18.82
N ARG B 33 3.06 -10.13 -19.46
CA ARG B 33 2.94 -10.26 -20.90
C ARG B 33 1.55 -10.81 -21.23
N LEU B 34 0.98 -10.35 -22.34
CA LEU B 34 -0.36 -10.79 -22.73
C LEU B 34 -0.33 -12.25 -23.22
N ALA B 35 -1.20 -13.09 -22.64
CA ALA B 35 -1.28 -14.54 -22.91
C ALA B 35 -1.73 -14.87 -24.36
N GLU B 36 -1.56 -16.15 -24.78
CA GLU B 36 -1.96 -16.63 -26.09
C GLU B 36 -3.44 -16.33 -26.38
N ASN B 37 -4.30 -16.23 -25.35
CA ASN B 37 -5.74 -15.94 -25.56
C ASN B 37 -6.04 -14.45 -25.80
N GLN B 38 -5.04 -13.56 -25.66
CA GLN B 38 -5.18 -12.11 -25.83
C GLN B 38 -6.07 -11.44 -24.75
N LYS B 39 -6.26 -12.11 -23.60
CA LYS B 39 -7.06 -11.58 -22.50
C LYS B 39 -6.26 -11.64 -21.18
N SER B 40 -5.72 -12.84 -20.85
CA SER B 40 -4.98 -13.09 -19.63
C SER B 40 -3.56 -12.50 -19.61
N CYS B 41 -3.00 -12.33 -18.40
CA CYS B 41 -1.68 -11.77 -18.14
C CYS B 41 -0.79 -12.85 -17.52
N GLU B 42 0.45 -12.95 -18.00
CA GLU B 42 1.39 -13.97 -17.53
C GLU B 42 2.71 -13.32 -17.15
N PRO B 43 3.46 -13.84 -16.16
CA PRO B 43 4.77 -13.26 -15.87
C PRO B 43 5.71 -13.23 -17.08
N ALA B 44 6.35 -12.07 -17.32
CA ALA B 44 7.36 -11.87 -18.36
C ALA B 44 8.78 -11.75 -17.73
N VAL B 45 8.89 -11.68 -16.37
CA VAL B 45 10.13 -11.59 -15.61
C VAL B 45 10.11 -12.59 -14.42
N PRO B 46 11.25 -12.85 -13.74
CA PRO B 46 11.22 -13.82 -12.64
C PRO B 46 10.36 -13.43 -11.43
N PHE B 47 10.40 -12.15 -11.02
CA PHE B 47 9.63 -11.69 -9.86
C PHE B 47 8.75 -10.52 -10.25
N PRO B 48 7.62 -10.75 -10.98
CA PRO B 48 6.76 -9.64 -11.36
C PRO B 48 6.05 -9.02 -10.16
N CYS B 49 5.71 -7.74 -10.25
CA CYS B 49 5.03 -7.03 -9.18
C CYS B 49 3.72 -7.71 -8.74
N GLY B 50 3.35 -7.49 -7.48
CA GLY B 50 2.09 -7.95 -6.91
C GLY B 50 1.79 -9.42 -6.88
N ARG B 51 2.81 -10.29 -6.97
CA ARG B 51 2.58 -11.74 -6.90
C ARG B 51 3.21 -12.33 -5.65
N VAL B 52 2.54 -13.30 -5.04
CA VAL B 52 3.07 -14.08 -3.92
C VAL B 52 3.65 -15.34 -4.57
N SER B 53 4.96 -15.61 -4.40
CA SER B 53 5.63 -16.78 -4.97
C SER B 53 6.19 -17.74 -3.90
N VAL B 54 6.15 -17.39 -2.59
CA VAL B 54 6.55 -18.33 -1.53
C VAL B 54 5.37 -19.28 -1.33
N SER B 55 5.61 -20.54 -0.97
CA SER B 55 4.52 -21.49 -0.72
C SER B 55 3.71 -21.02 0.51
N GLN B 56 2.37 -21.04 0.40
CA GLN B 56 1.45 -20.59 1.46
C GLN B 56 0.74 -21.77 2.11
#